data_5FQB
#
_entry.id   5FQB
#
_cell.length_a   53.147
_cell.length_b   61.117
_cell.length_c   69.390
_cell.angle_alpha   90.00
_cell.angle_beta   93.12
_cell.angle_gamma   90.00
#
_symmetry.space_group_name_H-M   'C 1 2 1'
#
loop_
_entity.id
_entity.type
_entity.pdbx_description
1 polymer 'BETA-LACTAMASE 2'
2 non-polymer 'ZINC ION'
3 non-polymer '(4~{R})-4-[[4-(aminomethyl)phenyl]carbonylamino]-3,3-bis(oxidanyl)-2-oxa-3-boranuidabicyclo[4.4.0]deca-1(10),6,8-triene-10-carboxylic acid'
4 non-polymer 'SULFATE ION'
5 non-polymer GLYCEROL
6 water water
#
_entity_poly.entity_id   1
_entity_poly.type   'polypeptide(L)'
_entity_poly.pdbx_seq_one_letter_code
;SQKVEKTVIKNETGTISISQLNKNVWVHTELGSFNGEAVPSNGLVLNTSKGLVLVDSSWDDKLTKELIEMVEKKFQKRVT
DVIITHAHADRIGGIKTLKERGIKAHSTALTAELAKKNGYEEPLGDLQTVTNLKFGNMKVETFYPGKGHTEDNIVVWLPQ
YNILVGGCLVKSTSAKDLGNVADAYVNEWSTSIENVLKRYRNINAVVPGHGEVGDKGLLLHTLDLLK
;
_entity_poly.pdbx_strand_id   A
#
loop_
_chem_comp.id
_chem_comp.type
_chem_comp.name
_chem_comp.formula
GOL non-polymer GLYCEROL 'C3 H8 O3'
OK3 non-polymer '(4~{R})-4-[[4-(aminomethyl)phenyl]carbonylamino]-3,3-bis(oxidanyl)-2-oxa-3-boranuidabicyclo[4.4.0]deca-1(10),6,8-triene-10-carboxylic acid' 'C17 H18 B N2 O6 -1'
SO4 non-polymer 'SULFATE ION' 'O4 S -2'
ZN non-polymer 'ZINC ION' 'Zn 2'
#
# COMPACT_ATOMS: atom_id res chain seq x y z
N LYS A 6 -5.90 -17.96 9.31
CA LYS A 6 -6.30 -17.14 8.16
C LYS A 6 -6.01 -17.87 6.86
N THR A 7 -6.95 -17.82 5.92
CA THR A 7 -6.78 -18.45 4.62
C THR A 7 -5.64 -17.80 3.82
N VAL A 8 -4.72 -18.63 3.35
CA VAL A 8 -3.57 -18.15 2.58
C VAL A 8 -3.48 -18.92 1.26
N ILE A 9 -3.23 -18.19 0.18
CA ILE A 9 -3.18 -18.77 -1.16
C ILE A 9 -1.97 -18.25 -1.92
N LYS A 10 -1.21 -19.17 -2.48
CA LYS A 10 0.07 -18.84 -3.12
C LYS A 10 0.02 -19.05 -4.63
N ASN A 11 0.83 -18.29 -5.37
CA ASN A 11 1.00 -18.57 -6.78
C ASN A 11 1.78 -19.87 -6.93
N GLU A 12 1.84 -20.38 -8.16
CA GLU A 12 2.55 -21.62 -8.44
C GLU A 12 4.01 -21.60 -7.95
N THR A 13 4.56 -20.41 -7.72
CA THR A 13 5.98 -20.27 -7.40
C THR A 13 6.28 -19.96 -5.93
N GLY A 14 5.32 -19.36 -5.24
CA GLY A 14 5.54 -18.92 -3.88
C GLY A 14 5.97 -17.46 -3.83
N THR A 15 6.26 -16.89 -5.00
CA THR A 15 6.63 -15.47 -5.08
C THR A 15 5.44 -14.53 -4.82
N ILE A 16 4.22 -15.04 -4.97
CA ILE A 16 3.02 -14.24 -4.67
C ILE A 16 2.08 -14.99 -3.74
N SER A 17 1.64 -14.29 -2.70
CA SER A 17 0.76 -14.85 -1.70
C SER A 17 -0.34 -13.86 -1.35
N ILE A 18 -1.56 -14.37 -1.13
CA ILE A 18 -2.62 -13.53 -0.57
C ILE A 18 -3.15 -14.20 0.71
N SER A 19 -3.42 -13.35 1.69
CA SER A 19 -3.89 -13.79 3.00
CA SER A 19 -3.90 -13.80 3.00
C SER A 19 -5.14 -13.02 3.38
N GLN A 20 -6.18 -13.73 3.79
CA GLN A 20 -7.45 -13.09 4.08
C GLN A 20 -7.43 -12.43 5.45
N LEU A 21 -7.87 -11.18 5.50
CA LEU A 21 -8.09 -10.47 6.76
C LEU A 21 -9.55 -10.52 7.16
N ASN A 22 -10.43 -10.37 6.18
CA ASN A 22 -11.86 -10.64 6.35
C ASN A 22 -12.52 -10.99 5.02
N LYS A 23 -13.84 -11.11 5.04
CA LYS A 23 -14.62 -11.59 3.89
C LYS A 23 -14.23 -10.91 2.57
N ASN A 24 -13.93 -9.61 2.65
CA ASN A 24 -13.68 -8.81 1.44
C ASN A 24 -12.32 -8.12 1.42
N VAL A 25 -11.47 -8.44 2.38
CA VAL A 25 -10.16 -7.80 2.47
C VAL A 25 -9.04 -8.84 2.61
N TRP A 26 -8.09 -8.77 1.70
CA TRP A 26 -6.94 -9.65 1.71
C TRP A 26 -5.66 -8.82 1.63
N VAL A 27 -4.61 -9.31 2.26
CA VAL A 27 -3.26 -8.76 2.04
C VAL A 27 -2.60 -9.49 0.87
N HIS A 28 -1.95 -8.76 -0.03
CA HIS A 28 -1.10 -9.38 -1.05
C HIS A 28 0.37 -9.11 -0.72
N THR A 29 1.18 -10.17 -0.87
CA THR A 29 2.59 -10.09 -0.55
C THR A 29 3.43 -10.71 -1.67
N GLU A 30 4.40 -9.95 -2.18
CA GLU A 30 5.33 -10.45 -3.19
C GLU A 30 6.79 -10.36 -2.79
N LEU A 31 7.57 -11.32 -3.27
CA LEU A 31 9.02 -11.29 -3.06
C LEU A 31 9.68 -10.64 -4.26
N GLY A 32 10.35 -9.53 -4.03
CA GLY A 32 11.22 -8.91 -5.02
C GLY A 32 12.64 -8.99 -4.52
N SER A 33 13.60 -8.66 -5.39
CA SER A 33 15.02 -8.57 -5.00
C SER A 33 15.36 -7.10 -4.78
N PHE A 34 16.40 -6.86 -3.98
CA PHE A 34 16.82 -5.51 -3.65
C PHE A 34 18.17 -5.55 -2.95
N ALA A 38 16.52 -10.23 -1.43
CA ALA A 38 15.18 -10.81 -1.36
C ALA A 38 14.35 -10.09 -0.30
N VAL A 39 13.30 -9.41 -0.74
CA VAL A 39 12.54 -8.54 0.14
C VAL A 39 11.03 -8.70 -0.10
N PRO A 40 10.27 -9.09 0.94
CA PRO A 40 8.83 -9.14 0.75
C PRO A 40 8.19 -7.77 0.89
N SER A 41 7.04 -7.61 0.24
CA SER A 41 6.35 -6.34 0.13
C SER A 41 4.85 -6.62 0.24
N ASN A 42 4.10 -5.76 0.96
CA ASN A 42 2.67 -5.94 1.12
C ASN A 42 1.84 -4.86 0.45
N GLY A 43 0.67 -5.27 0.00
CA GLY A 43 -0.43 -4.37 -0.29
C GLY A 43 -1.76 -5.00 0.10
N LEU A 44 -2.86 -4.42 -0.40
CA LEU A 44 -4.19 -4.93 -0.13
C LEU A 44 -4.95 -5.27 -1.39
N VAL A 45 -5.80 -6.30 -1.30
CA VAL A 45 -6.82 -6.62 -2.29
C VAL A 45 -8.21 -6.43 -1.65
N LEU A 46 -9.01 -5.56 -2.24
CA LEU A 46 -10.38 -5.30 -1.81
C LEU A 46 -11.37 -5.92 -2.78
N ASN A 47 -12.13 -6.90 -2.29
CA ASN A 47 -13.16 -7.53 -3.09
C ASN A 47 -14.46 -6.74 -2.94
N THR A 48 -14.79 -5.94 -3.95
CA THR A 48 -15.99 -5.11 -3.92
C THR A 48 -17.00 -5.56 -4.97
N SER A 49 -18.21 -5.02 -4.88
CA SER A 49 -19.28 -5.41 -5.78
C SER A 49 -19.09 -4.81 -7.16
N LYS A 50 -18.19 -3.83 -7.27
CA LYS A 50 -17.92 -3.19 -8.55
C LYS A 50 -16.56 -3.61 -9.14
N GLY A 51 -15.88 -4.56 -8.50
CA GLY A 51 -14.59 -5.01 -8.99
C GLY A 51 -13.54 -5.08 -7.89
N LEU A 52 -12.35 -5.54 -8.25
CA LEU A 52 -11.23 -5.61 -7.34
C LEU A 52 -10.48 -4.28 -7.28
N VAL A 53 -10.11 -3.85 -6.08
CA VAL A 53 -9.30 -2.65 -5.89
C VAL A 53 -8.07 -3.05 -5.13
N LEU A 54 -6.91 -2.68 -5.63
CA LEU A 54 -5.66 -2.94 -4.92
C LEU A 54 -5.14 -1.71 -4.22
N VAL A 55 -4.61 -1.88 -3.02
CA VAL A 55 -3.73 -0.88 -2.46
C VAL A 55 -2.32 -1.34 -2.79
N ASP A 56 -1.66 -0.54 -3.60
CA ASP A 56 -0.32 -0.75 -4.14
C ASP A 56 -0.22 -1.89 -5.16
N SER A 57 0.72 -1.73 -6.10
CA SER A 57 0.98 -2.73 -7.15
C SER A 57 2.12 -3.59 -6.63
N SER A 58 3.14 -3.84 -7.43
CA SER A 58 4.29 -4.60 -6.93
C SER A 58 5.58 -4.15 -7.58
N TRP A 59 6.66 -4.85 -7.27
CA TRP A 59 8.03 -4.44 -7.60
C TRP A 59 8.27 -4.13 -9.07
N ASP A 60 7.61 -4.88 -9.94
CA ASP A 60 7.80 -4.74 -11.37
C ASP A 60 6.53 -5.19 -12.10
N ASP A 61 6.60 -5.16 -13.42
CA ASP A 61 5.43 -5.48 -14.22
C ASP A 61 5.14 -6.99 -14.22
N LYS A 62 6.18 -7.82 -14.26
CA LYS A 62 5.98 -9.27 -14.24
C LYS A 62 5.15 -9.71 -13.00
N LEU A 63 5.52 -9.20 -11.82
CA LEU A 63 4.81 -9.55 -10.59
C LEU A 63 3.43 -8.93 -10.56
N THR A 64 3.31 -7.70 -11.03
CA THR A 64 2.03 -7.03 -11.04
C THR A 64 1.05 -7.74 -11.97
N LYS A 65 1.51 -8.17 -13.14
CA LYS A 65 0.66 -8.95 -14.03
C LYS A 65 0.18 -10.22 -13.33
N GLU A 66 1.12 -10.95 -12.73
CA GLU A 66 0.84 -12.21 -12.05
CA GLU A 66 0.78 -12.22 -12.09
C GLU A 66 -0.17 -12.00 -10.92
N LEU A 67 0.01 -10.93 -10.16
CA LEU A 67 -0.89 -10.57 -9.06
C LEU A 67 -2.31 -10.34 -9.57
N ILE A 68 -2.44 -9.47 -10.57
CA ILE A 68 -3.74 -9.17 -11.14
C ILE A 68 -4.42 -10.45 -11.65
N GLU A 69 -3.68 -11.24 -12.39
CA GLU A 69 -4.25 -12.45 -12.95
C GLU A 69 -4.69 -13.46 -11.88
N MET A 70 -3.95 -13.52 -10.79
CA MET A 70 -4.32 -14.43 -9.71
C MET A 70 -5.64 -14.02 -9.06
N VAL A 71 -5.78 -12.74 -8.75
CA VAL A 71 -6.97 -12.29 -8.01
C VAL A 71 -8.18 -12.22 -8.93
N GLU A 72 -7.96 -11.87 -10.19
CA GLU A 72 -9.07 -11.86 -11.13
C GLU A 72 -9.66 -13.25 -11.30
N LYS A 73 -8.80 -14.27 -11.40
CA LYS A 73 -9.29 -15.63 -11.51
C LYS A 73 -10.01 -16.05 -10.24
N LYS A 74 -9.41 -15.80 -9.10
CA LYS A 74 -9.97 -16.29 -7.85
C LYS A 74 -11.31 -15.63 -7.53
N PHE A 75 -11.37 -14.30 -7.61
CA PHE A 75 -12.56 -13.56 -7.18
C PHE A 75 -13.57 -13.33 -8.32
N GLN A 76 -13.18 -13.73 -9.52
CA GLN A 76 -14.07 -13.71 -10.69
C GLN A 76 -14.63 -12.33 -10.96
N LYS A 77 -13.76 -11.34 -10.94
CA LYS A 77 -14.10 -9.98 -11.36
C LYS A 77 -12.82 -9.27 -11.73
N ARG A 78 -12.92 -8.09 -12.33
CA ARG A 78 -11.70 -7.41 -12.82
C ARG A 78 -11.09 -6.49 -11.79
N VAL A 79 -9.77 -6.32 -11.86
CA VAL A 79 -9.14 -5.25 -11.09
C VAL A 79 -9.44 -3.95 -11.80
N THR A 80 -10.08 -3.00 -11.12
CA THR A 80 -10.51 -1.75 -11.75
C THR A 80 -9.67 -0.54 -11.33
N ASP A 81 -9.10 -0.59 -10.14
CA ASP A 81 -8.46 0.57 -9.51
C ASP A 81 -7.30 0.09 -8.67
N VAL A 82 -6.25 0.89 -8.63
CA VAL A 82 -5.14 0.69 -7.68
C VAL A 82 -4.80 2.02 -6.97
N ILE A 83 -4.53 1.99 -5.66
CA ILE A 83 -4.04 3.15 -4.95
C ILE A 83 -2.52 2.95 -4.71
N ILE A 84 -1.73 3.88 -5.25
CA ILE A 84 -0.28 3.87 -5.14
C ILE A 84 0.13 4.74 -3.93
N THR A 85 0.82 4.16 -2.96
CA THR A 85 1.03 4.87 -1.69
C THR A 85 2.33 5.69 -1.65
N HIS A 86 3.26 5.46 -2.58
CA HIS A 86 4.35 6.43 -2.85
C HIS A 86 5.11 5.96 -4.09
N ALA A 87 6.04 6.78 -4.56
CA ALA A 87 6.66 6.58 -5.87
C ALA A 87 7.95 5.73 -5.88
N HIS A 88 8.09 4.77 -4.97
CA HIS A 88 9.20 3.82 -5.05
C HIS A 88 8.76 2.54 -5.79
N ALA A 89 9.72 1.73 -6.23
CA ALA A 89 9.44 0.56 -7.05
C ALA A 89 8.52 -0.48 -6.41
N ASP A 90 8.65 -0.75 -5.12
CA ASP A 90 7.81 -1.78 -4.52
C ASP A 90 6.36 -1.35 -4.57
N ARG A 91 6.11 -0.06 -4.73
CA ARG A 91 4.74 0.45 -4.80
C ARG A 91 4.21 0.61 -6.22
N ILE A 92 5.05 1.18 -7.08
CA ILE A 92 4.65 1.70 -8.38
C ILE A 92 5.30 0.97 -9.56
N GLY A 93 6.08 -0.07 -9.27
CA GLY A 93 6.84 -0.76 -10.30
C GLY A 93 5.99 -1.33 -11.43
N GLY A 94 4.71 -1.56 -11.12
CA GLY A 94 3.80 -2.17 -12.07
C GLY A 94 2.92 -1.18 -12.82
N ILE A 95 3.28 0.10 -12.77
CA ILE A 95 2.39 1.13 -13.29
C ILE A 95 2.13 0.99 -14.80
N LYS A 96 3.12 0.53 -15.57
CA LYS A 96 2.97 0.32 -17.00
C LYS A 96 1.88 -0.72 -17.26
N THR A 97 1.88 -1.77 -16.46
CA THR A 97 0.85 -2.81 -16.61
C THR A 97 -0.53 -2.22 -16.31
N LEU A 98 -0.63 -1.45 -15.24
CA LEU A 98 -1.92 -0.85 -14.91
C LEU A 98 -2.43 0.04 -16.07
N LYS A 99 -1.59 0.95 -16.56
CA LYS A 99 -2.03 1.86 -17.62
C LYS A 99 -2.47 1.13 -18.88
N GLU A 100 -1.73 0.12 -19.31
CA GLU A 100 -2.03 -0.47 -20.58
C GLU A 100 -3.26 -1.39 -20.50
N ARG A 101 -3.63 -1.80 -19.28
CA ARG A 101 -4.84 -2.62 -19.09
C ARG A 101 -6.09 -1.79 -18.76
N GLY A 102 -5.93 -0.48 -18.65
CA GLY A 102 -7.08 0.38 -18.36
C GLY A 102 -7.49 0.33 -16.89
N ILE A 103 -6.52 0.02 -16.03
CA ILE A 103 -6.69 0.03 -14.58
C ILE A 103 -6.35 1.40 -14.03
N LYS A 104 -7.26 2.02 -13.28
CA LYS A 104 -7.03 3.39 -12.81
C LYS A 104 -6.01 3.37 -11.68
N ALA A 105 -4.95 4.16 -11.80
CA ALA A 105 -3.88 4.20 -10.81
C ALA A 105 -3.96 5.53 -10.06
N HIS A 106 -4.53 5.49 -8.86
CA HIS A 106 -4.75 6.69 -8.06
C HIS A 106 -3.50 7.05 -7.29
N SER A 107 -3.26 8.35 -7.14
CA SER A 107 -2.16 8.82 -6.32
C SER A 107 -2.34 10.29 -6.00
N THR A 108 -1.53 10.80 -5.09
CA THR A 108 -1.44 12.24 -4.90
C THR A 108 -0.73 12.88 -6.08
N ALA A 109 -0.86 14.19 -6.23
CA ALA A 109 -0.14 14.89 -7.27
C ALA A 109 1.37 14.79 -7.07
N LEU A 110 1.80 14.83 -5.80
CA LEU A 110 3.23 14.76 -5.51
C LEU A 110 3.80 13.40 -5.92
N THR A 111 3.07 12.34 -5.63
CA THR A 111 3.48 10.98 -6.02
C THR A 111 3.58 10.88 -7.53
N ALA A 112 2.65 11.49 -8.22
CA ALA A 112 2.68 11.44 -9.68
C ALA A 112 3.89 12.22 -10.22
N GLU A 113 4.17 13.37 -9.63
CA GLU A 113 5.31 14.20 -10.03
CA GLU A 113 5.33 14.18 -10.01
C GLU A 113 6.61 13.41 -9.84
N LEU A 114 6.75 12.78 -8.67
CA LEU A 114 7.95 12.03 -8.33
C LEU A 114 8.09 10.82 -9.23
N ALA A 115 6.98 10.14 -9.51
CA ALA A 115 6.99 9.05 -10.47
C ALA A 115 7.58 9.52 -11.81
N LYS A 116 7.08 10.66 -12.30
CA LYS A 116 7.51 11.19 -13.61
C LYS A 116 8.99 11.54 -13.56
N LYS A 117 9.39 12.17 -12.48
CA LYS A 117 10.79 12.54 -12.26
C LYS A 117 11.69 11.32 -12.36
N ASN A 118 11.22 10.20 -11.80
CA ASN A 118 12.01 8.99 -11.75
C ASN A 118 11.78 8.06 -12.96
N GLY A 119 11.07 8.54 -13.96
CA GLY A 119 11.00 7.82 -15.23
C GLY A 119 9.91 6.76 -15.30
N TYR A 120 8.97 6.83 -14.36
CA TYR A 120 7.81 5.96 -14.40
C TYR A 120 6.66 6.65 -15.10
N GLU A 121 5.77 5.85 -15.66
CA GLU A 121 4.55 6.41 -16.22
C GLU A 121 3.76 7.00 -15.06
N GLU A 122 2.94 7.99 -15.37
CA GLU A 122 2.29 8.77 -14.32
C GLU A 122 0.96 8.20 -13.85
N PRO A 123 0.81 8.03 -12.53
CA PRO A 123 -0.52 7.79 -11.98
C PRO A 123 -1.36 9.08 -12.03
N LEU A 124 -2.59 9.02 -11.52
CA LEU A 124 -3.59 10.06 -11.81
C LEU A 124 -3.38 11.39 -11.10
N GLY A 125 -2.70 11.37 -9.97
CA GLY A 125 -2.54 12.57 -9.16
C GLY A 125 -3.86 13.15 -8.68
N ASP A 126 -4.84 12.30 -8.44
CA ASP A 126 -6.18 12.74 -8.06
C ASP A 126 -6.44 12.82 -6.57
N LEU A 127 -5.58 12.21 -5.77
CA LEU A 127 -5.81 12.16 -4.32
C LEU A 127 -5.36 13.46 -3.66
N GLN A 128 -6.20 14.00 -2.78
CA GLN A 128 -5.87 15.17 -1.98
C GLN A 128 -5.24 14.74 -0.65
N THR A 129 -5.19 15.65 0.33
CA THR A 129 -4.62 15.28 1.62
C THR A 129 -5.52 14.25 2.30
N VAL A 130 -6.82 14.49 2.19
CA VAL A 130 -7.82 13.50 2.56
C VAL A 130 -8.74 13.27 1.37
N THR A 131 -8.86 12.03 0.92
CA THR A 131 -9.80 11.70 -0.15
C THR A 131 -10.64 10.52 0.27
N ASN A 132 -11.95 10.63 0.08
CA ASN A 132 -12.84 9.51 0.37
C ASN A 132 -13.40 8.97 -0.92
N LEU A 133 -13.14 7.68 -1.12
CA LEU A 133 -13.57 6.92 -2.28
C LEU A 133 -14.58 5.85 -1.86
N LYS A 134 -15.38 5.41 -2.81
CA LYS A 134 -16.27 4.28 -2.58
C LYS A 134 -16.32 3.40 -3.81
N PHE A 135 -16.09 2.11 -3.61
CA PHE A 135 -16.11 1.15 -4.71
C PHE A 135 -17.16 0.11 -4.35
N GLY A 136 -18.32 0.21 -4.99
CA GLY A 136 -19.45 -0.61 -4.60
C GLY A 136 -19.79 -0.26 -3.18
N ASN A 137 -19.77 -1.26 -2.30
CA ASN A 137 -20.06 -1.06 -0.89
C ASN A 137 -18.82 -0.69 -0.08
N MET A 138 -17.66 -0.77 -0.69
CA MET A 138 -16.38 -0.63 0.01
C MET A 138 -15.92 0.82 0.11
N LYS A 139 -15.79 1.33 1.33
CA LYS A 139 -15.35 2.70 1.58
C LYS A 139 -13.86 2.72 1.81
N VAL A 140 -13.20 3.69 1.19
CA VAL A 140 -11.74 3.80 1.27
C VAL A 140 -11.38 5.26 1.49
N GLU A 141 -10.60 5.54 2.53
CA GLU A 141 -10.08 6.88 2.74
C GLU A 141 -8.58 6.84 2.56
N THR A 142 -8.06 7.83 1.82
CA THR A 142 -6.63 8.05 1.72
C THR A 142 -6.25 9.30 2.49
N PHE A 143 -5.08 9.25 3.13
CA PHE A 143 -4.65 10.31 4.03
C PHE A 143 -3.17 10.55 3.86
N TYR A 144 -2.81 11.79 3.58
CA TYR A 144 -1.40 12.19 3.55
C TYR A 144 -1.02 12.76 4.91
N PRO A 145 -0.21 12.04 5.71
CA PRO A 145 0.04 12.51 7.09
C PRO A 145 1.23 13.44 7.24
N GLY A 146 1.98 13.59 6.15
CA GLY A 146 3.24 14.30 6.19
C GLY A 146 4.39 13.42 5.72
N LYS A 147 5.59 14.00 5.70
CA LYS A 147 6.76 13.29 5.23
C LYS A 147 7.24 12.27 6.25
N GLY A 148 7.80 11.18 5.76
CA GLY A 148 8.38 10.19 6.65
C GLY A 148 9.34 9.28 5.93
N HIS A 149 8.87 8.10 5.59
CA HIS A 149 9.62 7.15 4.79
C HIS A 149 10.01 7.79 3.47
N THR A 150 9.08 8.54 2.89
CA THR A 150 9.35 9.42 1.74
C THR A 150 8.57 10.72 1.92
N GLU A 151 8.81 11.71 1.05
CA GLU A 151 8.11 12.97 1.22
CA GLU A 151 8.13 12.98 1.12
C GLU A 151 6.64 12.83 0.84
N ASP A 152 6.30 11.82 0.06
CA ASP A 152 4.96 11.70 -0.49
C ASP A 152 4.08 10.59 0.10
N ASN A 153 4.64 9.79 0.98
CA ASN A 153 3.91 8.61 1.46
C ASN A 153 2.51 8.90 2.05
N ILE A 154 1.57 8.08 1.62
CA ILE A 154 0.20 8.15 2.13
C ILE A 154 -0.17 6.87 2.85
N VAL A 155 -1.19 6.95 3.70
CA VAL A 155 -1.76 5.74 4.29
C VAL A 155 -3.18 5.60 3.78
N VAL A 156 -3.72 4.38 3.89
CA VAL A 156 -5.07 4.05 3.45
C VAL A 156 -5.86 3.42 4.59
N TRP A 157 -7.08 3.93 4.79
CA TRP A 157 -7.98 3.54 5.87
C TRP A 157 -9.27 2.97 5.31
N LEU A 158 -9.68 1.83 5.87
CA LEU A 158 -10.97 1.23 5.57
C LEU A 158 -11.85 1.43 6.80
N PRO A 159 -12.68 2.49 6.78
CA PRO A 159 -13.44 2.81 7.99
C PRO A 159 -14.46 1.74 8.37
N GLN A 160 -14.84 0.87 7.46
CA GLN A 160 -15.83 -0.14 7.79
C GLN A 160 -15.20 -1.27 8.59
N TYR A 161 -13.88 -1.38 8.55
CA TYR A 161 -13.15 -2.45 9.24
C TYR A 161 -12.13 -1.94 10.27
N ASN A 162 -11.90 -0.64 10.29
CA ASN A 162 -10.84 -0.01 11.07
C ASN A 162 -9.50 -0.69 10.78
N ILE A 163 -9.25 -0.86 9.48
CA ILE A 163 -8.00 -1.38 8.98
C ILE A 163 -7.18 -0.27 8.34
N LEU A 164 -5.93 -0.16 8.77
CA LEU A 164 -5.00 0.83 8.24
C LEU A 164 -3.90 0.16 7.45
N VAL A 165 -3.70 0.62 6.21
CA VAL A 165 -2.57 0.26 5.39
C VAL A 165 -1.52 1.34 5.62
N GLY A 166 -0.46 0.97 6.32
CA GLY A 166 0.54 1.93 6.73
C GLY A 166 1.54 2.19 5.64
N GLY A 167 1.70 1.24 4.73
CA GLY A 167 2.76 1.32 3.73
C GLY A 167 4.14 1.43 4.38
N CYS A 168 5.10 2.03 3.67
CA CYS A 168 6.47 1.96 4.16
C CYS A 168 6.74 2.98 5.27
N LEU A 169 5.76 3.86 5.50
CA LEU A 169 5.73 4.73 6.68
C LEU A 169 5.72 3.93 7.99
N VAL A 170 5.17 2.72 7.95
CA VAL A 170 4.98 1.92 9.17
C VAL A 170 5.83 0.67 9.10
N LYS A 171 6.73 0.52 10.07
CA LYS A 171 7.61 -0.64 10.18
C LYS A 171 6.95 -1.82 10.89
N SER A 172 7.23 -3.04 10.43
CA SER A 172 6.74 -4.23 11.11
C SER A 172 7.59 -4.58 12.35
N THR A 173 7.08 -5.47 13.18
CA THR A 173 7.79 -5.83 14.42
C THR A 173 9.15 -6.40 14.12
N SER A 174 9.24 -7.14 13.02
CA SER A 174 10.50 -7.77 12.64
C SER A 174 11.55 -6.75 12.20
N ALA A 175 11.11 -5.55 11.82
CA ALA A 175 12.04 -4.50 11.40
C ALA A 175 12.77 -3.92 12.61
N LYS A 176 14.08 -4.03 12.61
CA LYS A 176 14.91 -3.58 13.74
C LYS A 176 15.65 -2.27 13.41
N ASP A 177 15.34 -1.69 12.27
CA ASP A 177 15.88 -0.38 11.91
C ASP A 177 14.91 0.22 10.90
N LEU A 178 15.19 1.43 10.41
CA LEU A 178 14.21 2.11 9.58
C LEU A 178 14.25 1.63 8.14
N GLY A 179 15.20 0.76 7.82
CA GLY A 179 15.31 0.20 6.49
C GLY A 179 15.82 1.22 5.50
N ASN A 180 15.18 1.29 4.35
CA ASN A 180 15.66 2.16 3.30
C ASN A 180 15.31 3.62 3.52
N VAL A 181 16.28 4.44 3.92
CA VAL A 181 16.02 5.82 4.33
C VAL A 181 16.64 6.86 3.38
N ALA A 182 17.07 6.41 2.21
CA ALA A 182 17.68 7.27 1.21
C ALA A 182 16.82 8.50 0.92
N ASP A 183 15.51 8.33 0.86
CA ASP A 183 14.60 9.41 0.50
C ASP A 183 13.71 9.82 1.66
N ALA A 184 14.15 9.56 2.89
CA ALA A 184 13.31 9.78 4.06
C ALA A 184 13.59 11.12 4.76
N TYR A 185 12.64 11.47 5.62
CA TYR A 185 12.65 12.67 6.44
C TYR A 185 12.50 12.27 7.91
N VAL A 186 13.60 11.88 8.54
CA VAL A 186 13.53 11.22 9.84
C VAL A 186 13.09 12.15 10.97
N ASN A 187 13.19 13.47 10.77
CA ASN A 187 12.76 14.44 11.76
CA ASN A 187 12.74 14.41 11.77
C ASN A 187 11.25 14.71 11.67
N GLU A 188 10.66 14.49 10.49
CA GLU A 188 9.22 14.73 10.30
C GLU A 188 8.43 13.42 10.43
N TRP A 189 9.13 12.30 10.31
CA TRP A 189 8.48 10.99 10.28
C TRP A 189 7.70 10.75 11.59
N SER A 190 8.25 11.18 12.73
CA SER A 190 7.53 11.00 14.00
C SER A 190 6.23 11.79 14.03
N THR A 191 6.27 13.03 13.56
CA THR A 191 5.08 13.87 13.54
C THR A 191 4.02 13.25 12.61
N SER A 192 4.46 12.71 11.48
CA SER A 192 3.54 12.12 10.53
C SER A 192 2.87 10.89 11.14
N ILE A 193 3.64 10.10 11.89
CA ILE A 193 3.07 8.95 12.60
C ILE A 193 2.06 9.44 13.62
N GLU A 194 2.41 10.48 14.37
CA GLU A 194 1.51 11.02 15.35
C GLU A 194 0.23 11.52 14.69
N ASN A 195 0.34 12.08 13.49
CA ASN A 195 -0.84 12.54 12.76
C ASN A 195 -1.76 11.37 12.42
N VAL A 196 -1.18 10.21 12.08
CA VAL A 196 -1.98 9.00 11.84
C VAL A 196 -2.66 8.53 13.13
N LEU A 197 -1.91 8.47 14.22
CA LEU A 197 -2.48 8.07 15.50
C LEU A 197 -3.60 9.01 15.96
N LYS A 198 -3.48 10.30 15.62
CA LYS A 198 -4.51 11.27 16.00
C LYS A 198 -5.77 11.09 15.18
N ARG A 199 -5.62 10.77 13.89
CA ARG A 199 -6.76 10.67 12.99
C ARG A 199 -7.53 9.36 13.21
N TYR A 200 -6.81 8.28 13.43
CA TYR A 200 -7.39 6.94 13.62
C TYR A 200 -7.13 6.44 15.03
N ARG A 201 -8.04 6.73 15.96
CA ARG A 201 -7.82 6.44 17.38
C ARG A 201 -8.18 5.00 17.78
N ASN A 202 -8.87 4.28 16.89
CA ASN A 202 -9.30 2.92 17.20
C ASN A 202 -9.01 2.00 16.00
N ILE A 203 -7.87 1.30 16.05
CA ILE A 203 -7.38 0.54 14.90
C ILE A 203 -7.43 -0.95 15.18
N ASN A 204 -8.04 -1.70 14.25
CA ASN A 204 -8.15 -3.15 14.42
C ASN A 204 -6.93 -3.89 13.91
N ALA A 205 -6.44 -3.47 12.74
CA ALA A 205 -5.24 -4.03 12.11
C ALA A 205 -4.47 -2.96 11.38
N VAL A 206 -3.15 -3.08 11.40
CA VAL A 206 -2.26 -2.20 10.65
C VAL A 206 -1.41 -3.09 9.74
N VAL A 207 -1.47 -2.79 8.44
CA VAL A 207 -0.66 -3.50 7.46
C VAL A 207 0.61 -2.69 7.15
N PRO A 208 1.80 -3.23 7.50
CA PRO A 208 3.02 -2.47 7.19
C PRO A 208 3.41 -2.70 5.73
N GLY A 209 4.23 -1.82 5.17
CA GLY A 209 4.69 -2.00 3.81
C GLY A 209 5.45 -3.30 3.58
N HIS A 210 6.14 -3.77 4.62
CA HIS A 210 6.87 -5.04 4.65
C HIS A 210 6.66 -5.71 5.99
N GLY A 211 6.40 -7.01 6.01
CA GLY A 211 6.39 -7.77 7.25
C GLY A 211 4.98 -8.13 7.68
N GLU A 212 4.85 -8.60 8.92
CA GLU A 212 3.59 -9.18 9.37
C GLU A 212 2.59 -8.11 9.76
N VAL A 213 1.31 -8.40 9.53
CA VAL A 213 0.23 -7.52 9.96
C VAL A 213 0.26 -7.43 11.48
N GLY A 214 0.04 -6.23 12.01
CA GLY A 214 0.05 -6.00 13.45
C GLY A 214 -1.10 -5.08 13.83
N ASP A 215 -0.91 -4.30 14.88
CA ASP A 215 -1.91 -3.33 15.27
C ASP A 215 -1.27 -1.98 15.51
N LYS A 216 -1.90 -1.15 16.32
CA LYS A 216 -1.41 0.18 16.63
C LYS A 216 0.02 0.12 17.11
N GLY A 217 0.39 -1.01 17.73
CA GLY A 217 1.75 -1.23 18.22
C GLY A 217 2.84 -1.00 17.17
N LEU A 218 2.51 -1.28 15.91
CA LEU A 218 3.49 -1.05 14.83
C LEU A 218 3.80 0.43 14.68
N LEU A 219 2.79 1.30 14.88
CA LEU A 219 3.03 2.74 14.86
C LEU A 219 3.96 3.19 16.00
N LEU A 220 3.76 2.60 17.18
CA LEU A 220 4.59 2.90 18.33
C LEU A 220 6.00 2.36 18.11
N HIS A 221 6.09 1.18 17.49
CA HIS A 221 7.39 0.60 17.14
C HIS A 221 8.15 1.55 16.22
N THR A 222 7.46 2.08 15.22
CA THR A 222 8.08 3.01 14.28
C THR A 222 8.60 4.25 15.00
N LEU A 223 7.83 4.81 15.93
CA LEU A 223 8.30 5.93 16.74
C LEU A 223 9.57 5.58 17.49
N ASP A 224 9.66 4.38 18.06
CA ASP A 224 10.84 4.01 18.85
C ASP A 224 12.06 3.88 17.93
N LEU A 225 11.84 3.36 16.72
CA LEU A 225 12.92 3.22 15.76
C LEU A 225 13.47 4.55 15.32
N LEU A 226 12.66 5.60 15.42
CA LEU A 226 13.04 6.95 15.04
C LEU A 226 13.85 7.71 16.10
N LYS A 227 13.99 7.14 17.29
CA LYS A 227 14.69 7.82 18.35
C LYS A 227 16.21 7.62 18.25
ZN ZN B . 9.06 -0.18 1.38
ZN ZN C . 9.74 3.47 -0.40
N01 OK3 D . 15.56 7.30 -5.32
C02 OK3 D . 16.28 6.09 -5.48
C03 OK3 D . 15.43 4.90 -5.03
C04 OK3 D . 14.53 4.31 -5.91
C05 OK3 D . 13.75 3.21 -5.49
C06 OK3 D . 13.88 2.72 -4.19
C07 OK3 D . 14.74 3.36 -3.32
C08 OK3 D . 15.53 4.42 -3.72
C09 OK3 D . 12.97 1.56 -3.72
O10 OK3 D . 12.38 0.86 -4.54
N11 OK3 D . 12.73 1.30 -2.33
C12 OK3 D . 11.79 0.28 -1.91
C13 OK3 D . 12.29 -1.09 -1.66
C14 OK3 D . 12.68 -1.30 -0.22
C15 OK3 D . 11.96 -0.70 0.81
O16 OK3 D . 10.79 0.11 0.49
B17 OK3 D . 11.09 1.01 -0.58
O18 OK3 D . 9.65 1.76 -0.97
O19 OK3 D . 12.07 2.15 0.12
C20 OK3 D . 12.33 -0.90 2.15
C21 OK3 D . 13.46 -1.65 2.43
C22 OK3 D . 14.19 -2.27 1.38
C23 OK3 D . 13.80 -2.08 0.04
C24 OK3 D . 11.56 -0.17 3.24
O25 OK3 D . 12.22 0.25 4.22
O26 OK3 D . 10.33 0.11 3.15
S SO4 E . -21.41 1.54 6.20
O1 SO4 E . -21.07 0.15 5.86
O2 SO4 E . -21.86 2.25 5.01
O3 SO4 E . -22.48 1.56 7.20
O4 SO4 E . -20.26 2.23 6.77
C1 GOL F . -0.74 -6.25 -21.08
O1 GOL F . -0.69 -6.06 -19.70
C2 GOL F . -0.95 -7.73 -21.43
O2 GOL F . -0.27 -8.59 -20.54
C3 GOL F . -0.50 -8.00 -22.85
O3 GOL F . -1.12 -7.05 -23.70
#